data_5ONO
#
_entry.id   5ONO
#
_cell.length_a   71.418
_cell.length_b   71.418
_cell.length_c   68.838
_cell.angle_alpha   90.00
_cell.angle_beta   90.00
_cell.angle_gamma   120.00
#
_symmetry.space_group_name_H-M   'P 31 2 1'
#
loop_
_entity.id
_entity.type
_entity.pdbx_description
1 polymer 'L-ectoine synthase'
2 non-polymer 'FE (III) ION'
3 non-polymer '(4S)-2-METHYL-1,4,5,6-TETRAHYDROPYRIMIDINE-4-CARBOXYLIC ACID'
4 water water
#
_entity_poly.entity_id   1
_entity_poly.type   'polypeptide(L)'
_entity_poly.pdbx_seq_one_letter_code
;MIVKHLEEIVDTKDDIDTTTWNSRRLLLTKDGMGFSLNDTLIKAGTETLIWYKNHVEAVYCIEGEGEIEVVGGETYPITP
GMMYALDGHEKHYLRARSQMRMVCVFNPPLTGAEVHDEEGTYPLLAPITDNWSHPQFE
;
_entity_poly.pdbx_strand_id   A
#
loop_
_chem_comp.id
_chem_comp.type
_chem_comp.name
_chem_comp.formula
4CS non-polymer '(4S)-2-METHYL-1,4,5,6-TETRAHYDROPYRIMIDINE-4-CARBOXYLIC ACID' 'C6 H10 N2 O2'
FE non-polymer 'FE (III) ION' 'Fe 3'
#
# COMPACT_ATOMS: atom_id res chain seq x y z
N MET A 1 3.07 26.16 3.79
CA MET A 1 2.22 25.31 4.65
C MET A 1 1.28 24.48 3.79
N ILE A 2 1.00 23.23 4.20
CA ILE A 2 0.11 22.31 3.48
C ILE A 2 -0.95 21.69 4.39
N VAL A 3 -2.20 21.69 3.94
CA VAL A 3 -3.28 21.05 4.69
C VAL A 3 -4.13 20.21 3.75
N LYS A 4 -4.37 18.98 4.15
CA LYS A 4 -5.27 18.12 3.43
C LYS A 4 -6.13 17.38 4.42
N HIS A 5 -7.00 16.54 3.89
CA HIS A 5 -7.86 15.65 4.68
C HIS A 5 -8.18 14.38 3.91
N LEU A 6 -8.03 13.23 4.55
CA LEU A 6 -8.42 11.95 3.98
C LEU A 6 -9.81 11.97 3.29
N GLU A 7 -10.81 12.57 3.97
CA GLU A 7 -12.19 12.55 3.50
C GLU A 7 -12.38 13.33 2.23
N GLU A 8 -11.43 14.19 1.92
CA GLU A 8 -11.35 14.84 0.61
C GLU A 8 -10.58 14.01 -0.42
N ILE A 9 -9.61 13.23 0.03
CA ILE A 9 -8.78 12.49 -0.93
C ILE A 9 -9.44 11.23 -1.51
N VAL A 10 -10.30 10.56 -0.73
CA VAL A 10 -10.94 9.31 -1.16
C VAL A 10 -11.79 9.58 -2.39
N ASP A 11 -11.92 8.58 -3.26
CA ASP A 11 -12.66 8.76 -4.54
C ASP A 11 -12.22 10.05 -5.25
N THR A 12 -10.95 10.08 -5.67
CA THR A 12 -10.33 11.30 -6.20
C THR A 12 -9.06 10.80 -6.86
N LYS A 13 -8.44 11.62 -7.68
CA LYS A 13 -7.26 11.19 -8.40
C LYS A 13 -6.10 10.79 -7.47
N ASP A 14 -6.12 11.26 -6.22
CA ASP A 14 -5.05 10.96 -5.28
C ASP A 14 -5.36 9.68 -4.51
N ASP A 15 -6.52 9.12 -4.78
CA ASP A 15 -6.89 7.84 -4.24
C ASP A 15 -6.76 6.79 -5.34
N ILE A 16 -5.65 6.05 -5.31
CA ILE A 16 -5.35 5.08 -6.35
C ILE A 16 -5.83 3.68 -5.97
N ASP A 17 -6.77 3.15 -6.75
CA ASP A 17 -7.38 1.86 -6.45
C ASP A 17 -6.81 0.73 -7.28
N THR A 18 -6.40 -0.38 -6.64
CA THR A 18 -5.90 -1.57 -7.34
C THR A 18 -6.63 -2.82 -6.84
N THR A 19 -6.31 -3.97 -7.43
CA THR A 19 -6.99 -5.22 -7.07
C THR A 19 -6.79 -5.55 -5.61
N THR A 20 -5.60 -5.30 -5.09
CA THR A 20 -5.27 -5.63 -3.70
C THR A 20 -5.22 -4.45 -2.72
N TRP A 21 -4.99 -3.23 -3.18
CA TRP A 21 -4.95 -2.10 -2.24
C TRP A 21 -5.63 -0.84 -2.78
N ASN A 22 -5.88 0.05 -1.82
CA ASN A 22 -6.36 1.38 -2.07
C ASN A 22 -5.45 2.42 -1.43
N SER A 23 -4.79 3.22 -2.25
CA SER A 23 -3.77 4.13 -1.74
C SER A 23 -4.18 5.58 -1.78
N ARG A 24 -4.41 6.14 -0.60
CA ARG A 24 -4.79 7.54 -0.47
C ARG A 24 -3.54 8.40 -0.27
N ARG A 25 -3.10 9.06 -1.32
CA ARG A 25 -1.84 9.80 -1.32
C ARG A 25 -1.96 11.10 -0.52
N LEU A 26 -1.15 11.29 0.50
CA LEU A 26 -1.28 12.48 1.34
C LEU A 26 -0.22 13.55 1.02
N LEU A 27 1.03 13.13 0.92
CA LEU A 27 2.07 14.02 0.40
C LEU A 27 2.65 13.45 -0.88
N LEU A 28 2.67 14.26 -1.92
CA LEU A 28 3.14 13.84 -3.24
C LEU A 28 4.54 14.40 -3.51
N THR A 29 5.17 13.95 -4.61
CA THR A 29 6.48 14.49 -5.00
C THR A 29 6.36 16.02 -5.15
N LYS A 30 5.32 16.45 -5.85
CA LYS A 30 4.93 17.87 -5.96
C LYS A 30 4.99 18.63 -4.64
N ASP A 31 4.68 17.98 -3.52
CA ASP A 31 4.52 18.70 -2.26
C ASP A 31 5.89 19.02 -1.70
N GLY A 32 6.92 18.41 -2.28
CA GLY A 32 8.29 18.80 -1.99
C GLY A 32 8.78 18.65 -0.57
N MET A 33 8.49 17.52 0.06
CA MET A 33 8.89 17.34 1.44
C MET A 33 10.11 16.46 1.56
N GLY A 34 10.48 15.78 0.49
CA GLY A 34 11.62 14.87 0.55
C GLY A 34 11.21 13.42 0.69
N PHE A 35 9.91 13.18 0.96
CA PHE A 35 9.37 11.83 1.11
C PHE A 35 7.93 11.88 0.61
N SER A 36 7.34 10.76 0.20
CA SER A 36 5.87 10.73 0.05
C SER A 36 5.26 10.03 1.25
N LEU A 37 3.98 10.31 1.46
CA LEU A 37 3.22 9.84 2.59
C LEU A 37 1.87 9.41 2.11
N ASN A 38 1.42 8.24 2.52
CA ASN A 38 0.07 7.86 2.18
C ASN A 38 -0.61 7.04 3.26
N ASP A 39 -1.88 6.74 3.01
CA ASP A 39 -2.69 5.91 3.88
C ASP A 39 -3.26 4.83 2.96
N THR A 40 -2.71 3.63 3.10
CA THR A 40 -3.09 2.53 2.26
C THR A 40 -3.93 1.51 3.00
N LEU A 41 -5.05 1.16 2.39
CA LEU A 41 -5.83 0.02 2.80
C LEU A 41 -5.46 -1.17 1.96
N ILE A 42 -4.93 -2.21 2.59
CA ILE A 42 -4.64 -3.51 1.93
C ILE A 42 -5.88 -4.39 2.14
N LYS A 43 -6.53 -4.84 1.06
CA LYS A 43 -7.84 -5.49 1.18
C LYS A 43 -7.77 -6.88 1.76
N ALA A 44 -8.84 -7.26 2.47
CA ALA A 44 -8.88 -8.57 3.16
C ALA A 44 -8.70 -9.70 2.18
N GLY A 45 -7.87 -10.65 2.55
CA GLY A 45 -7.69 -11.86 1.76
C GLY A 45 -6.61 -11.78 0.71
N THR A 46 -6.03 -10.60 0.53
CA THR A 46 -5.11 -10.46 -0.58
C THR A 46 -3.66 -10.81 -0.26
N GLU A 47 -2.94 -11.13 -1.31
CA GLU A 47 -1.52 -11.32 -1.26
C GLU A 47 -0.87 -10.51 -2.35
N THR A 48 0.16 -9.74 -1.99
CA THR A 48 0.96 -8.98 -2.93
C THR A 48 2.47 -9.20 -2.75
N LEU A 49 3.19 -9.46 -3.84
CA LEU A 49 4.65 -9.52 -3.79
C LEU A 49 5.18 -8.10 -4.02
N ILE A 50 6.16 -7.69 -3.23
CA ILE A 50 6.64 -6.32 -3.27
C ILE A 50 8.15 -6.26 -3.23
N TRP A 51 8.70 -5.38 -4.06
CA TRP A 51 10.14 -5.17 -4.13
C TRP A 51 10.42 -3.78 -4.67
N TYR A 52 10.80 -2.86 -3.78
CA TYR A 52 11.20 -1.51 -4.20
C TYR A 52 12.73 -1.44 -4.26
N LYS A 53 13.25 -1.59 -5.49
CA LYS A 53 14.69 -1.53 -5.73
C LYS A 53 15.20 -0.10 -5.60
N ASN A 54 14.36 0.91 -5.81
CA ASN A 54 14.82 2.32 -5.77
C ASN A 54 14.20 3.22 -4.68
N HIS A 55 13.66 2.62 -3.63
CA HIS A 55 13.15 3.40 -2.52
C HIS A 55 13.31 2.59 -1.23
N VAL A 56 13.36 3.30 -0.10
CA VAL A 56 13.10 2.65 1.17
C VAL A 56 11.74 3.11 1.67
N GLU A 57 11.02 2.20 2.30
CA GLU A 57 9.66 2.47 2.73
C GLU A 57 9.49 2.11 4.20
N ALA A 58 8.77 2.96 4.92
CA ALA A 58 8.34 2.66 6.25
C ALA A 58 6.86 2.44 6.21
N VAL A 59 6.40 1.45 6.98
CA VAL A 59 5.00 1.10 7.07
C VAL A 59 4.59 0.97 8.53
N TYR A 60 3.49 1.62 8.89
CA TYR A 60 2.97 1.62 10.25
C TYR A 60 1.51 1.20 10.21
N CYS A 61 1.23 0.02 10.74
CA CYS A 61 -0.12 -0.51 10.69
C CYS A 61 -0.94 0.07 11.84
N ILE A 62 -2.07 0.68 11.52
CA ILE A 62 -2.92 1.25 12.54
C ILE A 62 -4.26 0.51 12.63
N GLU A 63 -4.58 -0.33 11.63
CA GLU A 63 -5.76 -1.22 11.71
C GLU A 63 -5.52 -2.57 11.04
N GLY A 64 -6.14 -3.61 11.59
CA GLY A 64 -6.19 -4.87 10.90
C GLY A 64 -5.06 -5.82 11.22
N GLU A 65 -5.07 -6.98 10.56
CA GLU A 65 -4.16 -8.09 10.87
C GLU A 65 -3.72 -8.78 9.58
N GLY A 66 -2.46 -9.22 9.55
CA GLY A 66 -1.93 -9.90 8.39
C GLY A 66 -0.49 -10.29 8.68
N GLU A 67 0.33 -10.43 7.64
CA GLU A 67 1.75 -10.67 7.85
C GLU A 67 2.58 -10.20 6.67
N ILE A 68 3.86 -10.02 6.90
CA ILE A 68 4.82 -9.73 5.86
C ILE A 68 5.88 -10.81 5.96
N GLU A 69 6.08 -11.53 4.87
CA GLU A 69 7.14 -12.52 4.76
C GLU A 69 8.29 -11.99 3.92
N VAL A 70 9.47 -11.89 4.51
CA VAL A 70 10.67 -11.50 3.77
C VAL A 70 11.21 -12.72 3.02
N VAL A 71 11.35 -12.57 1.71
CA VAL A 71 12.00 -13.57 0.86
C VAL A 71 13.43 -13.73 1.35
N GLY A 72 13.79 -14.94 1.75
CA GLY A 72 15.10 -15.16 2.35
C GLY A 72 15.24 -14.75 3.80
N GLY A 73 14.11 -14.48 4.46
CA GLY A 73 14.10 -14.05 5.84
C GLY A 73 12.91 -14.57 6.62
N GLU A 74 12.49 -13.81 7.62
CA GLU A 74 11.46 -14.25 8.53
C GLU A 74 10.09 -13.78 8.09
N THR A 75 9.09 -14.22 8.83
CA THR A 75 7.69 -13.84 8.61
C THR A 75 7.23 -13.11 9.87
N TYR A 76 6.73 -11.90 9.67
CA TYR A 76 6.37 -11.03 10.82
C TYR A 76 4.89 -10.72 10.79
N PRO A 77 4.16 -11.18 11.80
CA PRO A 77 2.73 -10.85 11.89
C PRO A 77 2.53 -9.36 11.96
N ILE A 78 1.44 -8.89 11.36
CA ILE A 78 1.14 -7.47 11.39
C ILE A 78 -0.07 -7.27 12.26
N THR A 79 0.01 -6.30 13.16
CA THR A 79 -1.11 -5.94 14.02
C THR A 79 -1.04 -4.46 14.26
N PRO A 80 -2.11 -3.87 14.77
CA PRO A 80 -2.04 -2.41 14.99
C PRO A 80 -0.84 -2.05 15.86
N GLY A 81 -0.05 -1.05 15.46
CA GLY A 81 1.12 -0.66 16.21
C GLY A 81 2.39 -1.31 15.72
N MET A 82 2.28 -2.32 14.85
CA MET A 82 3.50 -2.90 14.29
C MET A 82 3.99 -2.01 13.17
N MET A 83 5.30 -1.86 13.08
CA MET A 83 5.84 -1.09 11.99
C MET A 83 7.05 -1.81 11.43
N TYR A 84 7.19 -1.78 10.10
CA TYR A 84 8.34 -2.36 9.46
C TYR A 84 8.92 -1.39 8.43
N ALA A 85 10.21 -1.54 8.13
CA ALA A 85 10.89 -0.63 7.24
C ALA A 85 11.91 -1.38 6.41
N LEU A 86 11.85 -1.15 5.11
CA LEU A 86 12.59 -1.91 4.12
C LEU A 86 13.84 -1.14 3.75
N ASP A 87 14.74 -1.05 4.73
CA ASP A 87 16.00 -0.32 4.59
C ASP A 87 16.94 -1.16 3.74
N GLY A 88 16.68 -2.45 3.68
CA GLY A 88 17.50 -3.33 2.86
C GLY A 88 16.89 -3.64 1.50
N HIS A 89 15.94 -2.82 1.06
CA HIS A 89 15.24 -3.07 -0.21
C HIS A 89 14.80 -4.51 -0.30
N GLU A 90 14.19 -5.00 0.77
CA GLU A 90 13.82 -6.41 0.85
C GLU A 90 12.69 -6.77 -0.11
N LYS A 91 12.87 -7.85 -0.85
CA LYS A 91 11.77 -8.50 -1.56
C LYS A 91 10.79 -9.15 -0.57
N HIS A 92 9.48 -8.88 -0.65
CA HIS A 92 8.57 -9.40 0.36
C HIS A 92 7.12 -9.60 -0.06
N TYR A 93 6.45 -10.53 0.62
CA TYR A 93 5.03 -10.78 0.44
C TYR A 93 4.29 -10.04 1.51
N LEU A 94 3.21 -9.38 1.13
CA LEU A 94 2.36 -8.68 2.05
C LEU A 94 1.00 -9.32 1.97
N ARG A 95 0.55 -9.81 3.12
CA ARG A 95 -0.69 -10.55 3.24
C ARG A 95 -1.63 -9.93 4.23
N ALA A 96 -2.90 -9.79 3.88
CA ALA A 96 -3.91 -9.27 4.77
C ALA A 96 -4.95 -10.34 5.08
N ARG A 97 -5.18 -10.60 6.36
CA ARG A 97 -6.29 -11.48 6.75
C ARG A 97 -7.58 -10.69 6.80
N SER A 98 -7.56 -9.60 7.56
CA SER A 98 -8.58 -8.56 7.49
C SER A 98 -7.98 -7.38 6.76
N GLN A 99 -8.79 -6.39 6.46
CA GLN A 99 -8.30 -5.17 5.86
C GLN A 99 -7.29 -4.53 6.80
N MET A 100 -6.15 -4.13 6.24
CA MET A 100 -5.11 -3.46 6.97
C MET A 100 -5.03 -1.98 6.53
N ARG A 101 -5.11 -1.09 7.49
CA ARG A 101 -4.82 0.30 7.22
C ARG A 101 -3.38 0.62 7.58
N MET A 102 -2.60 1.01 6.57
CA MET A 102 -1.16 1.21 6.72
C MET A 102 -0.80 2.67 6.40
N VAL A 103 -0.13 3.34 7.32
CA VAL A 103 0.49 4.62 7.02
C VAL A 103 1.89 4.40 6.47
N CYS A 104 2.17 4.94 5.28
CA CYS A 104 3.39 4.61 4.54
C CYS A 104 4.24 5.79 4.13
N VAL A 105 5.54 5.62 4.26
CA VAL A 105 6.48 6.69 3.94
C VAL A 105 7.51 6.19 2.96
N PHE A 106 7.68 6.89 1.85
CA PHE A 106 8.65 6.50 0.83
C PHE A 106 9.72 7.55 0.73
N ASN A 107 10.97 7.08 0.69
CA ASN A 107 12.14 7.92 0.45
C ASN A 107 13.04 7.31 -0.59
N PRO A 108 13.21 7.98 -1.75
CA PRO A 108 12.60 9.26 -2.16
C PRO A 108 11.08 9.10 -2.38
N PRO A 109 10.36 10.21 -2.61
CA PRO A 109 8.91 10.22 -2.92
C PRO A 109 8.58 9.28 -4.05
N LEU A 110 7.43 8.63 -4.00
CA LEU A 110 6.93 7.99 -5.19
C LEU A 110 6.38 9.08 -6.11
N THR A 111 6.34 8.81 -7.41
CA THR A 111 5.71 9.72 -8.34
C THR A 111 4.38 9.13 -8.74
N GLY A 112 3.49 9.99 -9.22
CA GLY A 112 2.22 9.53 -9.74
C GLY A 112 2.42 8.43 -10.79
N ALA A 113 3.51 8.55 -11.54
CA ALA A 113 3.80 7.58 -12.59
C ALA A 113 4.11 6.20 -11.98
N GLU A 114 4.99 6.18 -10.98
CA GLU A 114 5.33 4.93 -10.33
C GLU A 114 4.11 4.30 -9.64
N VAL A 115 3.28 5.12 -9.01
CA VAL A 115 2.13 4.54 -8.31
C VAL A 115 1.17 3.88 -9.30
N HIS A 116 0.93 4.57 -10.42
CA HIS A 116 -0.05 4.11 -11.41
C HIS A 116 0.51 2.90 -12.17
N ASP A 117 1.79 3.00 -12.58
CA ASP A 117 2.60 1.84 -13.05
C ASP A 117 2.51 0.58 -12.18
N GLU A 118 2.28 0.77 -10.88
CA GLU A 118 2.47 -0.26 -9.87
C GLU A 118 3.94 -0.71 -9.83
N GLU A 119 4.86 0.21 -10.07
CA GLU A 119 6.29 -0.11 -9.97
C GLU A 119 6.59 -0.78 -8.62
N GLY A 120 7.29 -1.92 -8.65
CA GLY A 120 7.68 -2.61 -7.42
C GLY A 120 6.64 -3.56 -6.78
N THR A 121 5.41 -3.60 -7.28
CA THR A 121 4.41 -4.51 -6.72
C THR A 121 3.88 -5.50 -7.76
N TYR A 122 3.50 -6.68 -7.28
CA TYR A 122 2.95 -7.74 -8.09
C TYR A 122 1.80 -8.43 -7.37
N PRO A 123 0.56 -8.00 -7.63
CA PRO A 123 -0.52 -8.62 -6.86
C PRO A 123 -0.71 -10.05 -7.27
N LEU A 124 -0.90 -10.94 -6.31
CA LEU A 124 -0.95 -12.37 -6.61
C LEU A 124 -2.28 -12.96 -6.27
N LEU A 125 -2.95 -12.43 -5.24
CA LEU A 125 -4.25 -12.98 -4.89
C LEU A 125 -5.19 -11.87 -4.55
N ALA A 126 -6.28 -11.80 -5.31
CA ALA A 126 -7.29 -10.76 -5.14
C ALA A 126 -8.30 -11.12 -4.04
N PRO A 127 -9.12 -10.12 -3.63
CA PRO A 127 -10.19 -10.43 -2.69
C PRO A 127 -11.19 -11.37 -3.33
N ILE A 128 -11.89 -12.13 -2.51
CA ILE A 128 -12.97 -13.00 -2.99
C ILE A 128 -14.08 -12.20 -3.70
N THR A 129 -14.52 -12.75 -4.82
CA THR A 129 -15.55 -12.14 -5.67
C THR A 129 -16.86 -11.85 -4.93
N ASP A 130 -17.42 -10.67 -5.18
CA ASP A 130 -18.77 -10.35 -4.71
C ASP A 130 -19.82 -10.67 -5.78
N ASN A 131 -19.65 -11.80 -6.46
CA ASN A 131 -20.58 -12.29 -7.50
C ASN A 131 -20.69 -11.35 -8.72
N TRP A 132 -19.83 -10.34 -8.78
CA TRP A 132 -19.82 -9.35 -9.88
C TRP A 132 -19.29 -9.92 -11.21
N SER A 133 -19.63 -9.23 -12.28
CA SER A 133 -19.16 -9.59 -13.60
C SER A 133 -19.10 -8.36 -14.49
N HIS A 134 -18.03 -8.23 -15.28
CA HIS A 134 -17.86 -7.12 -16.23
C HIS A 134 -19.10 -6.95 -17.19
N PRO A 135 -19.71 -8.05 -17.74
CA PRO A 135 -20.83 -8.01 -18.69
C PRO A 135 -22.16 -7.96 -18.02
N GLN A 136 -22.15 -7.71 -16.72
CA GLN A 136 -23.36 -7.61 -15.92
C GLN A 136 -23.33 -6.28 -15.21
N PHE A 137 -24.43 -5.56 -15.34
CA PHE A 137 -24.45 -4.13 -15.08
C PHE A 137 -25.83 -3.71 -14.64
N GLU A 138 -26.71 -4.69 -14.61
CA GLU A 138 -27.67 -4.79 -13.53
C GLU A 138 -26.79 -4.87 -12.26
FE FE B . 5.28 -2.84 1.95
O 4CS C . 1.96 3.53 -2.10
C 4CS C . 1.95 2.78 -1.06
OXT 4CS C . 1.83 3.22 0.11
CA 4CS C . 2.08 1.32 -1.23
CB 4CS C . 0.57 0.78 -1.06
CAD 4CS C . 0.55 -0.46 -1.28
NAG 4CS C . 1.36 -1.17 -0.28
CAI 4CS C . 2.46 -0.63 0.20
CAA 4CS C . 3.30 -1.38 1.19
N 4CS C . 2.90 0.76 -0.29
HA 4CS C . 2.42 1.26 -2.13
HB1 4CS C . 0.05 1.19 -1.78
HB2 4CS C . 0.33 0.89 -0.12
HAD1 4CS C . -0.37 -0.74 -1.13
HAD2 4CS C . 1.01 -0.58 -2.14
HNAG 4CS C . 1.10 -1.99 0.00
HAA1 4CS C . 2.82 -1.42 2.04
HAA2 4CS C . 4.15 -0.92 1.30
HAA3 4CS C . 3.45 -2.29 0.86
#